data_4NB1
#
_entry.id   4NB1
#
_cell.length_a   40.879
_cell.length_b   44.924
_cell.length_c   46.348
_cell.angle_alpha   61.190
_cell.angle_beta   65.040
_cell.angle_gamma   82.500
#
_symmetry.space_group_name_H-M   'P 1'
#
loop_
_entity.id
_entity.type
_entity.pdbx_description
1 polymer 'Metallothiol transferase FosB'
2 non-polymer CYSTEINE
3 non-polymer 'SULFATE ION'
4 water water
#
_entity_poly.entity_id   1
_entity_poly.type   'polypeptide(L)'
_entity_poly.pdbx_seq_one_letter_code
;MHHHHHHMLKSINHICFSVRNLNDSIHFYRDILLGKLLLTGKKTAYFELAGLWIALNEEKDIPRNEIHFSYTHIAFTIDD
SEFKYWHQRLKDNNVNILEGRVRDIRDRQSIYFTDPDGHKLELHTGTLENRLNYYKEAKPHMTFYK
;
_entity_poly.pdbx_strand_id   A,B
#
loop_
_chem_comp.id
_chem_comp.type
_chem_comp.name
_chem_comp.formula
SO4 non-polymer 'SULFATE ION' 'O4 S -2'
#
# COMPACT_ATOMS: atom_id res chain seq x y z
N HIS A 7 4.85 17.16 -12.64
CA HIS A 7 3.93 17.02 -11.48
C HIS A 7 3.35 15.64 -11.45
N MET A 8 3.94 14.75 -10.68
CA MET A 8 3.48 13.38 -10.66
C MET A 8 4.00 12.92 -9.34
N LEU A 9 3.25 12.04 -8.69
CA LEU A 9 3.73 11.29 -7.53
C LEU A 9 4.68 10.28 -8.12
N LYS A 10 5.85 10.09 -7.54
CA LYS A 10 6.92 9.36 -8.21
C LYS A 10 6.89 7.87 -7.94
N SER A 11 6.59 7.47 -6.72
CA SER A 11 6.66 6.04 -6.36
C SER A 11 5.97 5.88 -5.04
N ILE A 12 5.59 4.66 -4.70
CA ILE A 12 5.13 4.42 -3.31
C ILE A 12 6.31 4.66 -2.40
N ASN A 13 6.11 5.19 -1.20
CA ASN A 13 7.20 5.50 -0.26
C ASN A 13 7.21 4.42 0.85
N HIS A 14 6.06 4.18 1.52
CA HIS A 14 5.95 3.08 2.51
C HIS A 14 4.50 2.89 2.85
N ILE A 15 4.21 1.78 3.55
CA ILE A 15 2.86 1.52 4.09
CA ILE A 15 2.88 1.66 4.13
C ILE A 15 3.05 1.41 5.62
N CYS A 16 2.05 1.81 6.38
CA CYS A 16 2.07 1.77 7.87
C CYS A 16 0.90 0.95 8.35
N PHE A 17 1.13 -0.02 9.25
CA PHE A 17 0.06 -0.86 9.80
C PHE A 17 0.13 -0.74 11.30
N SER A 18 -1.02 -0.67 11.94
CA SER A 18 -1.01 -0.73 13.42
C SER A 18 -1.12 -2.18 13.80
N VAL A 19 -0.41 -2.55 14.88
CA VAL A 19 -0.46 -3.97 15.31
C VAL A 19 -0.63 -4.05 16.85
N ARG A 20 -1.29 -5.11 17.31
CA ARG A 20 -1.52 -5.33 18.78
C ARG A 20 -0.22 -5.81 19.49
N ASN A 21 0.56 -6.63 18.80
CA ASN A 21 1.74 -7.21 19.43
C ASN A 21 2.88 -7.21 18.43
N LEU A 22 3.86 -6.34 18.66
CA LEU A 22 4.98 -6.20 17.73
C LEU A 22 5.74 -7.54 17.55
N ASN A 23 5.90 -8.31 18.64
CA ASN A 23 6.69 -9.59 18.46
C ASN A 23 5.98 -10.62 17.58
N ASP A 24 4.68 -10.75 17.72
CA ASP A 24 3.93 -11.58 16.79
C ASP A 24 4.09 -11.10 15.35
N SER A 25 3.99 -9.79 15.15
CA SER A 25 4.05 -9.21 13.80
C SER A 25 5.45 -9.30 13.16
N ILE A 26 6.52 -9.14 13.97
CA ILE A 26 7.90 -9.36 13.50
C ILE A 26 8.04 -10.80 13.02
N HIS A 27 7.54 -11.77 13.79
CA HIS A 27 7.65 -13.19 13.34
C HIS A 27 6.86 -13.39 12.04
N PHE A 28 5.65 -12.83 11.91
CA PHE A 28 4.91 -12.97 10.64
C PHE A 28 5.65 -12.36 9.38
N TYR A 29 6.02 -11.09 9.48
CA TYR A 29 6.61 -10.35 8.31
C TYR A 29 8.07 -10.74 8.04
N ARG A 30 8.85 -11.04 9.09
CA ARG A 30 10.26 -11.39 8.90
C ARG A 30 10.44 -12.89 8.61
N ASP A 31 9.77 -13.73 9.41
CA ASP A 31 10.01 -15.19 9.31
C ASP A 31 9.06 -15.83 8.31
N ILE A 32 7.77 -15.62 8.46
CA ILE A 32 6.83 -16.26 7.51
C ILE A 32 6.87 -15.70 6.06
N LEU A 33 6.77 -14.37 5.95
CA LEU A 33 6.90 -13.69 4.62
C LEU A 33 8.31 -13.37 4.14
N LEU A 34 9.34 -13.60 5.00
CA LEU A 34 10.75 -13.48 4.58
C LEU A 34 11.12 -12.05 4.26
N GLY A 35 10.50 -11.06 4.96
CA GLY A 35 10.94 -9.66 4.82
C GLY A 35 12.21 -9.43 5.64
N LYS A 36 12.85 -8.28 5.46
CA LYS A 36 14.12 -7.95 6.17
C LYS A 36 13.81 -6.90 7.26
N LEU A 37 14.15 -7.22 8.52
CA LEU A 37 13.98 -6.27 9.64
C LEU A 37 15.10 -5.27 9.68
N LEU A 38 14.75 -3.98 9.67
CA LEU A 38 15.70 -2.87 9.64
C LEU A 38 15.91 -2.10 10.92
N LEU A 39 14.85 -1.92 11.71
CA LEU A 39 14.97 -1.05 12.85
C LEU A 39 13.86 -1.46 13.82
N THR A 40 14.07 -1.31 15.11
CA THR A 40 13.00 -1.36 16.10
C THR A 40 13.19 -0.25 17.13
N GLY A 41 12.05 0.21 17.65
CA GLY A 41 11.89 1.06 18.85
C GLY A 41 11.01 0.19 19.74
N LYS A 42 10.59 0.74 20.88
CA LYS A 42 9.67 0.02 21.81
C LYS A 42 8.31 -0.36 21.20
N LYS A 43 7.84 0.48 20.26
CA LYS A 43 6.50 0.35 19.69
C LYS A 43 6.61 0.43 18.16
N THR A 44 7.81 0.37 17.61
CA THR A 44 7.91 0.48 16.14
C THR A 44 8.78 -0.61 15.55
N ALA A 45 8.54 -1.01 14.30
CA ALA A 45 9.47 -1.90 13.57
C ALA A 45 9.42 -1.49 12.09
N TYR A 46 10.55 -1.48 11.41
CA TYR A 46 10.55 -1.18 9.96
C TYR A 46 11.10 -2.40 9.23
N PHE A 47 10.43 -2.80 8.13
CA PHE A 47 10.85 -3.90 7.24
C PHE A 47 11.00 -3.42 5.81
N GLU A 48 11.81 -4.16 5.04
CA GLU A 48 11.74 -4.11 3.59
C GLU A 48 11.13 -5.46 3.15
N LEU A 49 10.00 -5.43 2.41
CA LEU A 49 9.34 -6.68 1.98
C LEU A 49 8.87 -6.46 0.53
N ALA A 50 9.26 -7.34 -0.43
CA ALA A 50 8.77 -7.20 -1.82
C ALA A 50 9.16 -5.83 -2.39
N GLY A 51 10.30 -5.30 -1.96
CA GLY A 51 10.81 -3.98 -2.43
C GLY A 51 10.10 -2.76 -1.81
N LEU A 52 9.29 -2.98 -0.79
CA LEU A 52 8.43 -1.96 -0.10
C LEU A 52 8.91 -1.76 1.34
N TRP A 53 9.03 -0.51 1.78
CA TRP A 53 9.23 -0.19 3.22
C TRP A 53 7.88 -0.41 3.90
N ILE A 54 7.80 -1.30 4.91
CA ILE A 54 6.59 -1.43 5.73
C ILE A 54 6.93 -0.97 7.16
N ALA A 55 6.08 -0.10 7.76
CA ALA A 55 6.30 0.34 9.14
C ALA A 55 5.22 -0.28 9.96
N LEU A 56 5.57 -0.88 11.10
CA LEU A 56 4.58 -1.35 12.07
C LEU A 56 4.58 -0.47 13.34
N ASN A 57 3.41 -0.09 13.81
CA ASN A 57 3.32 0.71 15.05
C ASN A 57 2.46 -0.06 16.06
N GLU A 58 3.00 -0.32 17.24
CA GLU A 58 2.24 -1.16 18.16
C GLU A 58 1.17 -0.29 18.88
N GLU A 59 -0.06 -0.74 18.86
CA GLU A 59 -1.13 -0.16 19.69
C GLU A 59 -1.92 -1.21 20.52
N HIS A 68 -13.87 -4.12 10.24
CA HIS A 68 -12.96 -2.97 10.47
C HIS A 68 -11.73 -3.09 9.59
N PHE A 69 -11.43 -4.33 9.19
CA PHE A 69 -10.32 -4.67 8.27
C PHE A 69 -10.83 -5.13 6.90
N SER A 70 -12.13 -4.98 6.67
CA SER A 70 -12.82 -5.36 5.42
C SER A 70 -12.59 -4.42 4.24
N TYR A 71 -12.03 -3.23 4.48
CA TYR A 71 -12.20 -2.14 3.50
C TYR A 71 -10.94 -1.78 2.73
N THR A 72 -9.95 -2.67 2.86
CA THR A 72 -8.72 -2.53 2.07
C THR A 72 -8.04 -3.90 2.02
N HIS A 73 -7.20 -4.10 1.02
CA HIS A 73 -6.24 -5.23 1.07
C HIS A 73 -5.03 -4.81 0.31
N ILE A 74 -3.88 -5.49 0.57
CA ILE A 74 -2.63 -5.23 -0.15
C ILE A 74 -2.30 -6.58 -0.77
N ALA A 75 -2.02 -6.58 -2.10
CA ALA A 75 -1.80 -7.83 -2.86
C ALA A 75 -0.32 -7.80 -3.31
N PHE A 76 0.34 -8.97 -3.26
CA PHE A 76 1.79 -9.08 -3.67
C PHE A 76 1.92 -10.10 -4.79
N THR A 77 2.98 -9.98 -5.54
CA THR A 77 3.18 -10.83 -6.76
C THR A 77 4.25 -11.88 -6.43
N ILE A 78 3.97 -13.11 -6.84
CA ILE A 78 4.94 -14.26 -6.68
C ILE A 78 5.12 -14.94 -8.01
N ASP A 79 6.27 -15.62 -8.13
CA ASP A 79 6.55 -16.50 -9.30
C ASP A 79 5.53 -17.66 -9.32
N ASP A 80 4.95 -17.93 -10.48
CA ASP A 80 3.91 -19.00 -10.56
C ASP A 80 4.48 -20.35 -10.15
N SER A 81 5.77 -20.59 -10.46
CA SER A 81 6.43 -21.84 -10.08
CA SER A 81 6.38 -21.87 -10.07
C SER A 81 6.52 -21.97 -8.54
N GLU A 82 6.36 -20.84 -7.83
CA GLU A 82 6.40 -20.88 -6.35
CA GLU A 82 6.39 -20.79 -6.33
C GLU A 82 5.04 -20.90 -5.66
N PHE A 83 3.97 -21.08 -6.43
CA PHE A 83 2.65 -21.09 -5.79
C PHE A 83 2.48 -22.15 -4.70
N LYS A 84 2.80 -23.40 -5.03
CA LYS A 84 2.68 -24.40 -3.97
C LYS A 84 3.60 -24.14 -2.77
N TYR A 85 4.82 -23.61 -3.00
CA TYR A 85 5.76 -23.29 -1.94
C TYR A 85 5.09 -22.34 -0.94
N TRP A 86 4.43 -21.30 -1.45
CA TRP A 86 3.87 -20.27 -0.58
C TRP A 86 2.61 -20.74 0.07
N HIS A 87 1.76 -21.46 -0.69
CA HIS A 87 0.53 -22.02 -0.12
C HIS A 87 0.82 -22.91 1.07
N GLN A 88 1.81 -23.79 0.90
CA GLN A 88 2.23 -24.67 1.98
C GLN A 88 2.91 -23.96 3.12
N ARG A 89 3.73 -22.96 2.81
CA ARG A 89 4.37 -22.18 3.90
C ARG A 89 3.33 -21.51 4.80
N LEU A 90 2.32 -20.88 4.20
CA LEU A 90 1.31 -20.24 4.99
C LEU A 90 0.51 -21.28 5.77
N LYS A 91 0.20 -22.42 5.16
CA LYS A 91 -0.62 -23.44 5.88
C LYS A 91 0.11 -23.99 7.04
N ASP A 92 1.39 -24.33 6.84
CA ASP A 92 2.25 -24.94 7.87
C ASP A 92 2.69 -23.98 8.96
N ASN A 93 2.41 -22.69 8.77
CA ASN A 93 2.63 -21.76 9.84
C ASN A 93 1.35 -21.23 10.47
N ASN A 94 0.24 -21.96 10.26
CA ASN A 94 -1.05 -21.60 10.88
C ASN A 94 -1.52 -20.15 10.57
N VAL A 95 -1.20 -19.68 9.36
CA VAL A 95 -1.75 -18.37 8.87
C VAL A 95 -3.25 -18.56 8.54
N ASN A 96 -4.05 -17.57 8.87
CA ASN A 96 -5.45 -17.60 8.51
C ASN A 96 -5.64 -17.41 6.99
N ILE A 97 -6.02 -18.49 6.29
CA ILE A 97 -6.26 -18.46 4.83
C ILE A 97 -7.74 -18.49 4.53
N LEU A 98 -8.17 -17.55 3.69
CA LEU A 98 -9.55 -17.42 3.22
C LEU A 98 -9.85 -18.34 2.04
N GLU A 99 -11.13 -18.57 1.78
CA GLU A 99 -11.56 -19.58 0.78
C GLU A 99 -13.09 -19.55 0.60
N GLN A 109 -3.67 -18.45 -10.38
CA GLN A 109 -3.47 -18.89 -8.98
C GLN A 109 -3.39 -17.68 -7.97
N SER A 110 -4.29 -17.72 -6.97
CA SER A 110 -4.35 -16.67 -5.97
C SER A 110 -4.48 -17.29 -4.59
N ILE A 111 -3.88 -16.65 -3.58
CA ILE A 111 -4.03 -16.97 -2.14
C ILE A 111 -4.45 -15.71 -1.37
N TYR A 112 -5.53 -15.86 -0.59
CA TYR A 112 -6.10 -14.80 0.23
C TYR A 112 -5.91 -15.16 1.71
N PHE A 113 -5.43 -14.21 2.50
CA PHE A 113 -5.02 -14.47 3.90
C PHE A 113 -4.99 -13.22 4.71
N THR A 114 -4.81 -13.34 6.03
CA THR A 114 -4.61 -12.17 6.85
C THR A 114 -3.34 -12.30 7.69
N ASP A 115 -2.81 -11.15 8.10
CA ASP A 115 -1.75 -11.06 9.09
C ASP A 115 -2.35 -11.27 10.51
N PRO A 116 -1.51 -11.23 11.57
CA PRO A 116 -2.09 -11.63 12.88
C PRO A 116 -3.17 -10.69 13.40
N ASP A 117 -3.22 -9.47 12.90
CA ASP A 117 -4.24 -8.52 13.34
C ASP A 117 -5.46 -8.47 12.44
N GLY A 118 -5.45 -9.27 11.38
CA GLY A 118 -6.54 -9.31 10.38
C GLY A 118 -6.39 -8.37 9.18
N HIS A 119 -5.27 -7.65 9.07
CA HIS A 119 -5.01 -6.89 7.82
C HIS A 119 -5.00 -7.85 6.63
N LYS A 120 -5.76 -7.53 5.56
CA LYS A 120 -6.00 -8.50 4.48
C LYS A 120 -4.90 -8.39 3.40
N LEU A 121 -4.35 -9.53 3.05
CA LEU A 121 -3.24 -9.66 2.11
C LEU A 121 -3.52 -10.73 1.04
N GLU A 122 -2.86 -10.65 -0.14
CA GLU A 122 -3.11 -11.63 -1.17
C GLU A 122 -1.81 -11.89 -1.87
N LEU A 123 -1.64 -13.11 -2.39
CA LEU A 123 -0.53 -13.42 -3.35
C LEU A 123 -1.14 -13.80 -4.68
N HIS A 124 -0.59 -13.29 -5.78
CA HIS A 124 -1.07 -13.67 -7.12
C HIS A 124 0.09 -14.04 -8.01
N THR A 125 -0.14 -14.94 -8.97
CA THR A 125 0.93 -15.38 -9.89
C THR A 125 0.89 -14.69 -11.25
N GLY A 126 0.14 -13.60 -11.33
CA GLY A 126 0.05 -12.80 -12.55
C GLY A 126 -0.12 -11.38 -12.16
N THR A 127 0.33 -10.46 -13.02
CA THR A 127 0.16 -9.06 -12.68
C THR A 127 -1.30 -8.62 -12.88
N LEU A 128 -1.69 -7.56 -12.17
CA LEU A 128 -3.05 -7.04 -12.31
C LEU A 128 -3.26 -6.66 -13.77
N GLU A 129 -2.27 -6.00 -14.37
CA GLU A 129 -2.32 -5.61 -15.78
C GLU A 129 -2.63 -6.83 -16.66
N ASN A 130 -1.71 -7.82 -16.75
N ASN A 130 -1.65 -7.72 -16.77
CA ASN A 130 -1.94 -9.08 -17.57
CA ASN A 130 -1.76 -8.94 -17.55
C ASN A 130 -3.34 -9.52 -17.42
C ASN A 130 -3.15 -9.62 -17.38
N ARG A 131 -3.72 -9.69 -16.16
CA ARG A 131 -5.03 -10.28 -15.89
C ARG A 131 -6.17 -9.46 -16.46
N LEU A 132 -6.05 -8.14 -16.39
CA LEU A 132 -7.15 -7.29 -16.81
C LEU A 132 -7.47 -7.45 -18.28
N ASN A 133 -6.44 -7.40 -19.13
CA ASN A 133 -6.58 -7.71 -20.54
C ASN A 133 -7.36 -9.00 -20.70
N TYR A 134 -6.64 -10.10 -20.55
CA TYR A 134 -7.28 -11.37 -20.36
C TYR A 134 -8.46 -11.19 -19.38
N ALA A 138 -12.94 -11.28 -21.59
CA ALA A 138 -13.97 -12.22 -21.13
C ALA A 138 -15.10 -11.55 -20.30
N LYS A 139 -14.82 -10.39 -19.68
CA LYS A 139 -15.92 -9.55 -19.17
C LYS A 139 -16.14 -8.44 -20.21
N PRO A 140 -17.05 -8.71 -21.18
CA PRO A 140 -17.10 -7.97 -22.43
C PRO A 140 -17.57 -6.54 -22.21
N HIS A 141 -18.32 -6.35 -21.13
CA HIS A 141 -19.05 -5.15 -20.90
C HIS A 141 -18.39 -4.22 -19.89
N MET A 142 -17.13 -4.52 -19.52
CA MET A 142 -16.26 -3.53 -18.86
C MET A 142 -15.73 -2.47 -19.88
N THR A 143 -15.32 -1.30 -19.37
CA THR A 143 -14.84 -0.21 -20.22
C THR A 143 -13.37 -0.03 -20.03
N PHE A 144 -12.60 -0.18 -21.11
CA PHE A 144 -11.15 0.02 -21.08
C PHE A 144 -10.75 1.37 -21.53
N TYR A 145 -9.63 1.85 -21.01
CA TYR A 145 -9.20 3.17 -21.34
C TYR A 145 -7.82 2.88 -21.83
N LYS A 146 -7.49 3.38 -23.02
CA LYS A 146 -6.22 3.06 -23.70
C LYS A 146 -5.90 1.53 -23.76
N HIS B 6 15.44 -17.07 -5.04
CA HIS B 6 13.94 -17.23 -5.03
C HIS B 6 13.43 -17.29 -3.64
N HIS B 7 12.24 -17.85 -3.44
CA HIS B 7 11.49 -17.78 -2.17
C HIS B 7 11.48 -16.39 -1.66
N MET B 8 10.93 -15.50 -2.44
CA MET B 8 10.70 -14.14 -1.94
C MET B 8 9.38 -13.65 -2.58
N LEU B 9 8.62 -12.82 -1.86
CA LEU B 9 7.56 -12.10 -2.51
C LEU B 9 8.28 -11.08 -3.42
N LYS B 10 7.85 -10.97 -4.67
CA LYS B 10 8.59 -10.19 -5.65
C LYS B 10 8.39 -8.67 -5.61
N SER B 11 7.12 -8.26 -5.53
CA SER B 11 6.74 -6.87 -5.64
C SER B 11 5.30 -6.73 -5.23
N ILE B 12 4.87 -5.48 -5.06
CA ILE B 12 3.45 -5.17 -4.83
C ILE B 12 2.67 -5.39 -6.12
N ASN B 13 1.49 -5.98 -5.99
CA ASN B 13 0.69 -6.40 -7.17
C ASN B 13 -0.33 -5.30 -7.33
N HIS B 14 -0.99 -4.94 -6.21
CA HIS B 14 -1.90 -3.77 -6.20
C HIS B 14 -2.40 -3.52 -4.79
N ILE B 15 -3.06 -2.39 -4.59
CA ILE B 15 -3.83 -2.18 -3.34
CA ILE B 15 -3.79 -2.09 -3.36
C ILE B 15 -5.27 -1.98 -3.72
N CYS B 16 -6.18 -2.38 -2.83
CA CYS B 16 -7.62 -2.23 -3.07
C CYS B 16 -8.23 -1.37 -1.98
N PHE B 17 -9.08 -0.38 -2.34
CA PHE B 17 -9.77 0.42 -1.33
C PHE B 17 -11.28 0.26 -1.59
N SER B 18 -12.07 0.11 -0.52
CA SER B 18 -13.54 0.21 -0.62
CA SER B 18 -13.52 0.21 -0.59
C SER B 18 -13.95 1.68 -0.51
N VAL B 19 -14.91 2.06 -1.35
CA VAL B 19 -15.31 3.46 -1.48
C VAL B 19 -16.81 3.57 -1.62
N ARG B 20 -17.35 4.66 -1.06
CA ARG B 20 -18.81 4.82 -1.07
C ARG B 20 -19.33 5.30 -2.43
N ASN B 21 -18.54 6.11 -3.16
CA ASN B 21 -19.00 6.73 -4.42
C ASN B 21 -17.86 6.72 -5.41
N LEU B 22 -17.97 5.85 -6.42
CA LEU B 22 -16.93 5.62 -7.41
C LEU B 22 -16.60 6.93 -8.12
N ASN B 23 -17.62 7.70 -8.51
CA ASN B 23 -17.27 8.98 -9.22
C ASN B 23 -16.44 9.99 -8.40
N ASP B 24 -16.78 10.10 -7.12
CA ASP B 24 -16.02 10.99 -6.24
C ASP B 24 -14.56 10.49 -6.12
N SER B 25 -14.41 9.17 -6.00
CA SER B 25 -13.06 8.61 -5.88
C SER B 25 -12.25 8.69 -7.18
N ILE B 26 -12.91 8.52 -8.34
CA ILE B 26 -12.24 8.74 -9.64
C ILE B 26 -11.70 10.17 -9.76
N HIS B 27 -12.54 11.14 -9.37
CA HIS B 27 -12.05 12.53 -9.32
C HIS B 27 -10.83 12.70 -8.42
N PHE B 28 -10.83 12.09 -7.23
CA PHE B 28 -9.69 12.24 -6.30
C PHE B 28 -8.41 11.62 -6.86
N TYR B 29 -8.53 10.35 -7.26
CA TYR B 29 -7.31 9.59 -7.65
C TYR B 29 -6.79 9.98 -9.00
N ARG B 30 -7.70 10.38 -9.88
CA ARG B 30 -7.30 10.66 -11.25
C ARG B 30 -7.11 12.15 -11.47
N ASP B 31 -8.06 12.98 -11.10
CA ASP B 31 -7.91 14.45 -11.34
C ASP B 31 -7.00 15.11 -10.29
N ILE B 32 -7.16 14.81 -9.01
CA ILE B 32 -6.39 15.54 -7.98
C ILE B 32 -4.98 14.97 -7.86
N LEU B 33 -4.89 13.64 -7.69
CA LEU B 33 -3.55 12.97 -7.57
C LEU B 33 -2.89 12.63 -8.89
N LEU B 34 -3.60 12.86 -10.02
CA LEU B 34 -3.01 12.68 -11.37
C LEU B 34 -2.62 11.21 -11.71
N GLY B 35 -3.36 10.28 -11.12
CA GLY B 35 -3.29 8.90 -11.54
C GLY B 35 -3.95 8.69 -12.91
N LYS B 36 -3.76 7.52 -13.48
CA LYS B 36 -4.44 7.22 -14.76
C LYS B 36 -5.54 6.18 -14.57
N LEU B 37 -6.74 6.51 -15.06
CA LEU B 37 -7.85 5.54 -15.09
C LEU B 37 -7.61 4.47 -16.19
N LEU B 38 -7.58 3.19 -15.83
CA LEU B 38 -7.27 2.13 -16.83
C LEU B 38 -8.50 1.33 -17.30
N LEU B 39 -9.45 1.13 -16.39
CA LEU B 39 -10.65 0.27 -16.59
C LEU B 39 -11.70 0.60 -15.59
N THR B 40 -12.95 0.54 -16.03
CA THR B 40 -14.05 0.45 -15.05
C THR B 40 -14.97 -0.77 -15.36
N GLY B 41 -15.71 -1.17 -14.35
CA GLY B 41 -16.62 -2.24 -14.53
C GLY B 41 -17.72 -1.87 -13.65
N LYS B 42 -18.61 -2.83 -13.49
CA LYS B 42 -19.70 -2.59 -12.62
C LYS B 42 -19.12 -2.57 -11.19
N LYS B 43 -19.34 -1.42 -10.55
CA LYS B 43 -18.87 -1.11 -9.18
C LYS B 43 -17.34 -1.14 -8.97
N THR B 44 -16.55 -1.03 -10.04
CA THR B 44 -15.08 -1.15 -9.86
C THR B 44 -14.38 -0.18 -10.77
N ALA B 45 -13.20 0.27 -10.33
CA ALA B 45 -12.34 1.11 -11.14
C ALA B 45 -10.88 0.82 -10.83
N TYR B 46 -10.02 0.83 -11.83
CA TYR B 46 -8.58 0.54 -11.64
C TYR B 46 -7.77 1.71 -12.17
N PHE B 47 -6.67 2.00 -11.46
CA PHE B 47 -5.79 3.15 -11.77
C PHE B 47 -4.35 2.72 -11.71
N GLU B 48 -3.48 3.39 -12.45
CA GLU B 48 -2.08 3.34 -12.13
C GLU B 48 -1.70 4.67 -11.50
N LEU B 49 -1.05 4.68 -10.33
CA LEU B 49 -0.68 6.00 -9.67
C LEU B 49 0.70 5.75 -9.11
N ALA B 50 1.70 6.62 -9.47
CA ALA B 50 3.06 6.47 -8.88
C ALA B 50 3.59 5.06 -9.10
N GLY B 51 3.23 4.45 -10.23
CA GLY B 51 3.79 3.11 -10.56
C GLY B 51 3.09 1.96 -9.83
N LEU B 52 2.03 2.26 -9.06
CA LEU B 52 1.26 1.29 -8.24
C LEU B 52 -0.14 1.11 -8.90
N TRP B 53 -0.65 -0.10 -8.91
CA TRP B 53 -2.03 -0.31 -9.40
C TRP B 53 -2.98 -0.23 -8.24
N ILE B 54 -4.06 0.54 -8.36
CA ILE B 54 -4.94 0.70 -7.24
C ILE B 54 -6.32 0.26 -7.76
N ALA B 55 -6.99 -0.59 -7.02
CA ALA B 55 -8.37 -1.04 -7.37
C ALA B 55 -9.30 -0.37 -6.38
N LEU B 56 -10.40 0.19 -6.90
CA LEU B 56 -11.46 0.66 -6.05
C LEU B 56 -12.69 -0.24 -6.20
N ASN B 57 -13.31 -0.58 -5.07
CA ASN B 57 -14.56 -1.37 -5.14
C ASN B 57 -15.65 -0.58 -4.44
N GLU B 58 -16.78 -0.35 -5.11
CA GLU B 58 -17.80 0.49 -4.50
C GLU B 58 -18.63 -0.34 -3.53
N GLU B 59 -18.75 0.15 -2.31
CA GLU B 59 -19.59 -0.42 -1.23
C GLU B 59 -20.37 0.67 -0.50
N LYS B 60 -21.69 0.62 -0.62
CA LYS B 60 -22.55 1.70 -0.03
C LYS B 60 -23.21 1.43 1.33
N TYR B 71 -5.27 3.45 11.90
CA TYR B 71 -4.61 2.12 11.91
C TYR B 71 -3.79 1.76 10.69
N THR B 72 -3.72 2.67 9.72
CA THR B 72 -3.01 2.33 8.50
C THR B 72 -2.85 3.58 7.65
N HIS B 73 -1.74 3.68 6.91
CA HIS B 73 -1.70 4.76 5.91
C HIS B 73 -0.85 4.29 4.78
N ILE B 74 -1.00 4.96 3.63
CA ILE B 74 -0.08 4.67 2.49
C ILE B 74 0.63 5.99 2.14
N ALA B 75 1.95 5.95 1.91
CA ALA B 75 2.73 7.20 1.69
C ALA B 75 3.34 7.06 0.33
N PHE B 76 3.30 8.17 -0.41
CA PHE B 76 3.95 8.27 -1.75
C PHE B 76 5.06 9.24 -1.74
N THR B 77 6.09 9.03 -2.58
CA THR B 77 7.27 9.93 -2.59
C THR B 77 7.05 11.03 -3.59
N ILE B 78 7.46 12.27 -3.22
CA ILE B 78 7.44 13.40 -4.15
C ILE B 78 8.82 14.07 -3.99
N ASP B 79 9.24 14.82 -5.00
CA ASP B 79 10.47 15.62 -4.85
C ASP B 79 10.31 16.83 -3.95
N ASP B 80 11.37 17.19 -3.24
CA ASP B 80 11.40 18.45 -2.50
C ASP B 80 10.88 19.66 -3.27
N SER B 81 11.34 19.74 -4.52
CA SER B 81 10.99 20.85 -5.37
C SER B 81 9.50 20.91 -5.74
N GLU B 82 8.75 19.83 -5.43
CA GLU B 82 7.30 19.78 -5.78
C GLU B 82 6.40 19.86 -4.55
N PHE B 83 7.05 20.06 -3.38
CA PHE B 83 6.29 20.09 -2.13
C PHE B 83 5.22 21.18 -2.05
N LYS B 84 5.61 22.46 -2.27
CA LYS B 84 4.65 23.57 -2.23
C LYS B 84 3.55 23.34 -3.29
N TYR B 85 3.93 22.86 -4.48
CA TYR B 85 2.91 22.54 -5.53
C TYR B 85 1.80 21.61 -4.98
N TRP B 86 2.22 20.51 -4.36
CA TRP B 86 1.27 19.53 -3.83
C TRP B 86 0.45 20.04 -2.68
N HIS B 87 1.10 20.74 -1.76
CA HIS B 87 0.42 21.32 -0.65
C HIS B 87 -0.68 22.27 -1.09
N GLN B 88 -0.34 23.20 -1.98
CA GLN B 88 -1.38 24.11 -2.54
C GLN B 88 -2.49 23.38 -3.36
N ARG B 89 -2.11 22.34 -4.12
CA ARG B 89 -3.08 21.58 -4.95
C ARG B 89 -4.09 20.92 -4.05
N LEU B 90 -3.59 20.28 -2.99
CA LEU B 90 -4.51 19.74 -1.99
C LEU B 90 -5.45 20.78 -1.33
N LYS B 91 -4.90 21.90 -0.85
CA LYS B 91 -5.75 22.94 -0.28
C LYS B 91 -6.75 23.53 -1.31
N ASP B 92 -6.27 23.84 -2.51
CA ASP B 92 -7.13 24.36 -3.57
C ASP B 92 -8.29 23.40 -3.91
N ASN B 93 -8.15 22.11 -3.64
CA ASN B 93 -9.23 21.16 -3.95
C ASN B 93 -9.97 20.73 -2.75
N ASN B 94 -9.78 21.48 -1.65
CA ASN B 94 -10.57 21.28 -0.44
C ASN B 94 -10.43 19.86 0.15
N VAL B 95 -9.23 19.28 0.01
CA VAL B 95 -8.94 17.95 0.54
C VAL B 95 -8.75 18.13 2.02
N ASN B 96 -9.15 17.11 2.77
CA ASN B 96 -9.00 17.07 4.22
C ASN B 96 -7.51 16.85 4.57
N ILE B 97 -6.85 17.88 5.09
CA ILE B 97 -5.39 17.82 5.40
C ILE B 97 -5.25 17.60 6.90
N LEU B 98 -4.40 16.64 7.28
CA LEU B 98 -4.13 16.32 8.66
C LEU B 98 -2.78 16.83 9.08
N GLU B 99 -2.63 17.09 10.39
CA GLU B 99 -1.33 17.63 10.90
C GLU B 99 -0.28 16.57 11.01
N GLY B 100 0.97 16.96 10.67
CA GLY B 100 2.14 16.10 10.92
C GLY B 100 3.00 16.56 12.10
N ARG B 101 4.28 16.17 12.06
CA ARG B 101 5.25 16.63 13.05
C ARG B 101 5.52 18.12 12.92
N VAL B 102 6.04 18.71 14.01
CA VAL B 102 6.52 20.06 14.02
C VAL B 102 7.54 20.23 12.88
N ARG B 103 7.41 21.29 12.08
CA ARG B 103 8.27 21.53 10.90
C ARG B 103 8.05 20.63 9.66
N ASP B 104 7.11 19.66 9.68
CA ASP B 104 6.83 18.88 8.44
C ASP B 104 6.48 19.78 7.24
N ILE B 105 5.72 20.87 7.47
CA ILE B 105 5.38 21.78 6.34
C ILE B 105 6.53 22.74 6.04
N ARG B 106 6.98 23.43 7.08
CA ARG B 106 8.05 24.42 6.89
C ARG B 106 9.35 23.85 6.30
N ASP B 107 9.75 22.64 6.68
CA ASP B 107 10.98 21.99 6.18
C ASP B 107 10.69 21.04 5.01
N ARG B 108 9.46 21.08 4.50
CA ARG B 108 9.11 20.34 3.30
C ARG B 108 9.39 18.84 3.43
N GLN B 109 8.89 18.24 4.54
CA GLN B 109 9.08 16.85 4.80
C GLN B 109 7.84 15.99 4.41
N SER B 110 6.66 16.34 4.90
CA SER B 110 5.48 15.44 4.76
C SER B 110 4.21 16.23 4.72
N ILE B 111 3.25 15.77 3.90
CA ILE B 111 1.86 16.23 3.87
C ILE B 111 0.96 15.04 4.20
N TYR B 112 0.04 15.22 5.15
CA TYR B 112 -0.87 14.13 5.47
C TYR B 112 -2.31 14.51 5.09
N PHE B 113 -3.13 13.56 4.62
CA PHE B 113 -4.45 13.92 4.15
C PHE B 113 -5.28 12.65 4.05
N THR B 114 -6.58 12.77 3.75
CA THR B 114 -7.40 11.58 3.50
C THR B 114 -8.08 11.67 2.13
N ASP B 115 -8.47 10.49 1.63
CA ASP B 115 -9.31 10.47 0.43
C ASP B 115 -10.77 10.73 0.86
N PRO B 116 -11.72 10.74 -0.10
CA PRO B 116 -13.14 11.06 0.26
C PRO B 116 -13.75 10.10 1.28
N ASP B 117 -13.17 8.93 1.45
CA ASP B 117 -13.74 7.92 2.35
C ASP B 117 -13.04 7.89 3.68
N GLY B 118 -12.01 8.71 3.83
CA GLY B 118 -11.21 8.69 5.06
C GLY B 118 -9.96 7.78 5.06
N HIS B 119 -9.60 7.19 3.94
CA HIS B 119 -8.34 6.43 3.95
C HIS B 119 -7.18 7.43 4.07
N LYS B 120 -6.21 7.20 4.99
CA LYS B 120 -5.15 8.19 5.19
C LYS B 120 -3.99 7.93 4.24
N LEU B 121 -3.51 9.05 3.68
CA LEU B 121 -2.45 9.02 2.70
C LEU B 121 -1.39 10.01 3.16
N GLU B 122 -0.19 9.89 2.56
CA GLU B 122 0.89 10.85 2.96
C GLU B 122 1.72 11.10 1.69
N LEU B 123 2.25 12.34 1.58
CA LEU B 123 3.28 12.61 0.56
C LEU B 123 4.55 12.91 1.32
N HIS B 124 5.66 12.26 0.96
CA HIS B 124 6.90 12.45 1.74
C HIS B 124 8.05 12.70 0.78
N THR B 125 8.99 13.59 1.18
CA THR B 125 10.12 13.96 0.32
C THR B 125 11.38 13.15 0.62
N GLY B 126 11.42 12.44 1.77
CA GLY B 126 12.54 11.56 2.18
C GLY B 126 12.49 10.06 1.76
N THR B 127 13.61 9.36 1.78
CA THR B 127 13.58 7.88 1.58
C THR B 127 13.67 7.06 2.87
N LEU B 128 13.61 5.74 2.73
CA LEU B 128 13.93 4.82 3.84
C LEU B 128 15.35 5.02 4.43
N GLU B 129 16.36 5.03 3.55
N GLU B 129 16.36 5.06 3.57
CA GLU B 129 17.73 5.30 4.00
CA GLU B 129 17.72 5.24 4.07
C GLU B 129 17.81 6.62 4.75
C GLU B 129 17.96 6.67 4.61
N ASN B 130 17.13 7.64 4.22
CA ASN B 130 17.16 8.99 4.84
C ASN B 130 16.71 8.86 6.26
N ARG B 131 15.64 8.08 6.47
CA ARG B 131 15.06 7.96 7.83
C ARG B 131 15.98 7.19 8.77
N LEU B 132 16.59 6.14 8.24
CA LEU B 132 17.50 5.30 9.03
C LEU B 132 18.66 6.20 9.45
N ASN B 133 19.23 6.92 8.48
CA ASN B 133 20.31 7.82 8.82
C ASN B 133 19.94 8.82 9.86
N TYR B 134 18.77 9.46 9.69
CA TYR B 134 18.26 10.45 10.64
C TYR B 134 18.17 9.86 12.04
N TYR B 135 17.52 8.69 12.17
CA TYR B 135 17.57 7.95 13.44
C TYR B 135 18.99 7.38 13.67
N HIS B 141 19.02 5.39 20.88
CA HIS B 141 18.21 4.47 21.69
C HIS B 141 17.39 3.49 20.88
N MET B 142 17.28 3.69 19.57
CA MET B 142 16.62 2.70 18.72
C MET B 142 17.62 1.59 18.40
N THR B 143 17.11 0.44 17.94
CA THR B 143 17.97 -0.73 17.70
C THR B 143 18.08 -0.89 16.18
N PHE B 144 19.30 -0.85 15.60
CA PHE B 144 19.45 -0.94 14.13
C PHE B 144 20.01 -2.30 13.75
N TYR B 145 19.53 -2.89 12.65
CA TYR B 145 19.88 -4.31 12.35
C TYR B 145 21.09 -4.64 11.44
N CYS C . -13.26 -5.41 -1.51
CA CYS C . -11.81 -5.67 -1.19
C CYS C . -11.64 -6.83 -0.23
O CYS C . -12.67 -7.32 0.25
CB CYS C . -11.13 -4.42 -0.69
SG CYS C . -11.10 -3.04 -1.88
OXT CYS C . -10.55 -7.29 0.08
S SO4 D . 4.67 22.96 10.48
O1 SO4 D . 3.52 23.82 10.32
O2 SO4 D . 5.69 23.58 9.67
O3 SO4 D . 5.07 22.85 11.92
O4 SO4 D . 4.30 21.56 10.08
N CYS E . 0.37 5.11 13.16
CA CYS E . 0.18 5.48 11.72
C CYS E . -0.65 6.79 11.54
O CYS E . -0.90 7.22 10.41
CB CYS E . -0.46 4.28 10.97
SG CYS E . 0.50 2.75 11.05
OXT CYS E . -1.07 7.45 12.52
#